data_2Q8W
#
_entry.id   2Q8W
#
_cell.length_a   78.630
_cell.length_b   84.190
_cell.length_c   90.880
_cell.angle_alpha   90.00
_cell.angle_beta   90.00
_cell.angle_gamma   90.00
#
_symmetry.space_group_name_H-M   'I 2 2 2'
#
loop_
_entity.id
_entity.type
_entity.pdbx_description
1 polymer 'POKEWEED ANTIVIRAL PROTEIN'
2 non-polymer 2-acetamido-2-deoxy-beta-D-glucopyranose
3 water water
#
_entity_poly.entity_id   1
_entity_poly.type   'polypeptide(L)'
_entity_poly.pdbx_seq_one_letter_code
;INTITFDAGNATINKYATFMESLRNEAKDPSLKCYGIPMLPNTNSTIKYLLVKLQGASLKTITLILRRNNLYVMGYSDPY
DNKCRYHIFNDIKGTEYSDVENTLCPSTNPRVAKPINYNGLYPTLENKAGVTSRNQVQLGIQILSSDIGKISGQGSFTEK
TEAKFLLVAIQMVPEAARFKYIENQVKTNFNRDFFPNDKVLELEENWGKISTAIHDAKNGALPKPLELKNADGTKWIVLR
VDEIKPDVGLLKYVNGTCQTT
;
_entity_poly.pdbx_strand_id   A
#
loop_
_chem_comp.id
_chem_comp.type
_chem_comp.name
_chem_comp.formula
NAG D-saccharide, beta linking 2-acetamido-2-deoxy-beta-D-glucopyranose 'C8 H15 N O6'
#
# COMPACT_ATOMS: atom_id res chain seq x y z
N ILE A 1 -7.45 -17.09 3.41
CA ILE A 1 -7.27 -16.02 4.43
C ILE A 1 -8.32 -14.95 4.20
N ASN A 2 -8.81 -14.31 5.26
CA ASN A 2 -9.79 -13.30 4.98
C ASN A 2 -9.43 -11.83 5.19
N THR A 3 -10.48 -11.00 5.18
CA THR A 3 -10.34 -9.55 5.27
C THR A 3 -9.60 -8.98 6.47
N ILE A 4 -8.59 -8.19 6.19
CA ILE A 4 -7.83 -7.56 7.26
C ILE A 4 -8.51 -6.22 7.51
N THR A 5 -8.78 -5.89 8.77
CA THR A 5 -9.46 -4.64 9.07
C THR A 5 -8.62 -3.69 9.89
N PHE A 6 -8.71 -2.41 9.59
CA PHE A 6 -8.02 -1.41 10.38
C PHE A 6 -9.04 -0.32 10.69
N ASP A 7 -9.22 -0.02 11.98
CA ASP A 7 -10.17 0.99 12.40
C ASP A 7 -9.45 2.33 12.65
N ALA A 8 -9.47 3.22 11.65
CA ALA A 8 -8.79 4.50 11.75
C ALA A 8 -9.52 5.46 12.67
N GLY A 9 -10.76 5.14 13.03
CA GLY A 9 -11.51 6.04 13.91
C GLY A 9 -11.26 5.73 15.38
N ASN A 10 -10.66 4.58 15.69
CA ASN A 10 -10.40 4.18 17.07
C ASN A 10 -9.01 3.56 17.14
N ALA A 11 -8.04 4.22 16.52
CA ALA A 11 -6.72 3.64 16.46
C ALA A 11 -5.71 4.07 17.50
N THR A 12 -4.70 3.23 17.65
CA THR A 12 -3.57 3.52 18.53
C THR A 12 -2.37 3.02 17.75
N ILE A 13 -1.19 3.48 18.15
CA ILE A 13 0.07 3.05 17.51
C ILE A 13 0.15 1.52 17.54
N ASN A 14 -0.19 0.91 18.67
CA ASN A 14 -0.11 -0.53 18.75
C ASN A 14 -1.08 -1.24 17.80
N LYS A 15 -2.27 -0.66 17.59
CA LYS A 15 -3.23 -1.27 16.68
C LYS A 15 -2.73 -1.13 15.24
N TYR A 16 -2.10 0.00 14.94
CA TYR A 16 -1.56 0.19 13.57
C TYR A 16 -0.40 -0.78 13.34
N ALA A 17 0.42 -1.02 14.37
CA ALA A 17 1.53 -1.96 14.25
C ALA A 17 1.02 -3.37 14.01
N THR A 18 -0.05 -3.73 14.72
CA THR A 18 -0.65 -5.04 14.58
C THR A 18 -1.20 -5.22 13.17
N PHE A 19 -1.83 -4.16 12.68
CA PHE A 19 -2.40 -4.15 11.34
C PHE A 19 -1.27 -4.41 10.31
N MET A 20 -0.15 -3.72 10.45
CA MET A 20 0.98 -3.88 9.53
C MET A 20 1.52 -5.31 9.62
N GLU A 21 1.59 -5.83 10.82
CA GLU A 21 2.08 -7.19 11.00
C GLU A 21 1.13 -8.20 10.34
N SER A 22 -0.18 -7.97 10.45
CA SER A 22 -1.15 -8.87 9.80
C SER A 22 -1.02 -8.78 8.27
N LEU A 23 -0.92 -7.56 7.77
CA LEU A 23 -0.80 -7.38 6.33
C LEU A 23 0.46 -8.06 5.81
N ARG A 24 1.59 -7.89 6.50
CA ARG A 24 2.83 -8.52 6.03
C ARG A 24 2.73 -10.05 6.12
N ASN A 25 2.15 -10.53 7.20
CA ASN A 25 2.04 -11.98 7.38
C ASN A 25 1.13 -12.63 6.35
N GLU A 26 0.08 -11.95 5.92
CA GLU A 26 -0.81 -12.54 4.92
C GLU A 26 -0.31 -12.34 3.51
N ALA A 27 0.45 -11.28 3.26
CA ALA A 27 0.93 -11.02 1.90
C ALA A 27 2.15 -11.84 1.49
N LYS A 28 3.06 -12.04 2.45
CA LYS A 28 4.31 -12.72 2.16
C LYS A 28 4.14 -14.16 1.69
N ASP A 29 5.10 -14.59 0.88
CA ASP A 29 5.11 -15.98 0.45
C ASP A 29 5.45 -16.73 1.76
N PRO A 30 4.78 -17.85 2.02
CA PRO A 30 5.04 -18.62 3.25
C PRO A 30 6.52 -18.93 3.52
N SER A 31 7.33 -19.06 2.49
CA SER A 31 8.72 -19.41 2.74
C SER A 31 9.81 -18.52 2.16
N LEU A 32 9.51 -17.67 1.19
CA LEU A 32 10.57 -16.83 0.64
C LEU A 32 10.98 -15.70 1.56
N LYS A 33 12.29 -15.54 1.72
CA LYS A 33 12.85 -14.46 2.52
C LYS A 33 14.32 -14.35 2.13
N CYS A 34 14.88 -13.16 2.28
CA CYS A 34 16.30 -12.94 1.97
C CYS A 34 16.80 -12.09 3.13
N TYR A 35 17.91 -12.53 3.73
CA TYR A 35 18.50 -11.82 4.87
C TYR A 35 17.47 -11.58 5.96
N GLY A 36 16.58 -12.56 6.12
CA GLY A 36 15.56 -12.49 7.14
C GLY A 36 14.37 -11.61 6.82
N ILE A 37 14.34 -11.03 5.62
CA ILE A 37 13.22 -10.15 5.26
C ILE A 37 12.24 -10.93 4.41
N PRO A 38 10.96 -10.97 4.81
CA PRO A 38 10.04 -11.74 3.98
C PRO A 38 9.84 -11.14 2.59
N MET A 39 9.61 -12.03 1.62
CA MET A 39 9.40 -11.66 0.23
C MET A 39 8.01 -12.07 -0.22
N LEU A 40 7.43 -11.30 -1.13
CA LEU A 40 6.11 -11.56 -1.68
C LEU A 40 6.25 -12.70 -2.67
N PRO A 41 5.14 -13.40 -2.95
CA PRO A 41 5.15 -14.54 -3.87
C PRO A 41 5.22 -14.20 -5.34
N ASN A 42 5.50 -15.23 -6.13
CA ASN A 42 5.56 -15.08 -7.58
C ASN A 42 4.11 -14.90 -8.04
N THR A 43 3.92 -14.58 -9.33
CA THR A 43 2.59 -14.36 -9.92
C THR A 43 1.63 -15.55 -9.97
N ASN A 44 2.06 -16.73 -9.55
CA ASN A 44 1.16 -17.86 -9.58
C ASN A 44 1.04 -18.54 -8.23
N SER A 45 0.73 -17.76 -7.19
CA SER A 45 0.59 -18.32 -5.85
C SER A 45 -0.84 -18.78 -5.51
N THR A 46 -0.98 -19.31 -4.31
CA THR A 46 -2.22 -19.85 -3.78
C THR A 46 -3.42 -18.90 -3.65
N ILE A 47 -3.17 -17.66 -3.25
CA ILE A 47 -4.25 -16.70 -3.06
C ILE A 47 -3.84 -15.47 -3.86
N LYS A 48 -4.70 -15.01 -4.76
CA LYS A 48 -4.34 -13.87 -5.60
C LYS A 48 -4.58 -12.46 -5.07
N TYR A 49 -5.57 -12.29 -4.20
CA TYR A 49 -5.90 -10.98 -3.69
C TYR A 49 -6.10 -10.95 -2.18
N LEU A 50 -5.89 -9.75 -1.62
CA LEU A 50 -6.10 -9.46 -0.21
C LEU A 50 -7.09 -8.30 -0.14
N LEU A 51 -8.03 -8.38 0.79
CA LEU A 51 -8.99 -7.31 1.00
C LEU A 51 -8.61 -6.65 2.32
N VAL A 52 -8.58 -5.32 2.31
CA VAL A 52 -8.22 -4.56 3.52
C VAL A 52 -9.34 -3.57 3.75
N LYS A 53 -10.07 -3.76 4.85
CA LYS A 53 -11.23 -2.90 5.12
C LYS A 53 -10.77 -1.82 6.10
N LEU A 54 -10.98 -0.57 5.71
CA LEU A 54 -10.59 0.59 6.51
C LEU A 54 -11.86 1.22 7.03
N GLN A 55 -11.90 1.49 8.34
CA GLN A 55 -13.10 2.08 8.90
C GLN A 55 -12.79 3.45 9.46
N GLY A 56 -13.66 4.42 9.17
CA GLY A 56 -13.43 5.78 9.61
C GLY A 56 -14.17 6.04 10.92
N ALA A 57 -13.94 7.21 11.49
CA ALA A 57 -14.62 7.59 12.75
C ALA A 57 -16.13 7.70 12.52
N SER A 58 -16.53 7.91 11.28
CA SER A 58 -17.96 7.99 10.93
C SER A 58 -18.61 6.59 10.99
N LEU A 59 -17.76 5.56 11.09
CA LEU A 59 -18.15 4.17 11.11
C LEU A 59 -18.34 3.67 9.68
N LYS A 60 -18.22 4.56 8.69
CA LYS A 60 -18.33 4.10 7.30
C LYS A 60 -17.02 3.42 6.94
N THR A 61 -17.05 2.57 5.90
CA THR A 61 -15.84 1.85 5.53
C THR A 61 -15.55 1.91 4.06
N ILE A 62 -14.30 1.61 3.74
CA ILE A 62 -13.83 1.50 2.36
C ILE A 62 -12.94 0.28 2.37
N THR A 63 -13.13 -0.62 1.40
CA THR A 63 -12.28 -1.78 1.37
C THR A 63 -11.37 -1.73 0.15
N LEU A 64 -10.06 -1.79 0.38
CA LEU A 64 -9.10 -1.81 -0.74
C LEU A 64 -8.92 -3.27 -1.17
N ILE A 65 -8.65 -3.49 -2.46
CA ILE A 65 -8.29 -4.83 -2.86
C ILE A 65 -6.84 -4.71 -3.36
N LEU A 66 -5.96 -5.54 -2.81
CA LEU A 66 -4.55 -5.57 -3.17
C LEU A 66 -4.20 -6.85 -3.90
N ARG A 67 -3.41 -6.72 -4.95
CA ARG A 67 -2.92 -7.92 -5.64
C ARG A 67 -1.89 -8.43 -4.64
N ARG A 68 -2.07 -9.66 -4.23
CA ARG A 68 -1.20 -10.20 -3.24
C ARG A 68 0.25 -10.31 -3.63
N ASN A 69 0.53 -10.64 -4.87
CA ASN A 69 1.92 -10.83 -5.26
C ASN A 69 2.80 -9.60 -5.31
N ASN A 70 2.23 -8.41 -5.49
CA ASN A 70 3.07 -7.21 -5.53
C ASN A 70 2.50 -6.06 -4.70
N LEU A 71 1.38 -6.32 -4.03
CA LEU A 71 0.66 -5.37 -3.17
C LEU A 71 0.12 -4.10 -3.84
N TYR A 72 0.01 -4.09 -5.17
CA TYR A 72 -0.58 -2.91 -5.80
C TYR A 72 -2.09 -2.89 -5.56
N VAL A 73 -2.62 -1.68 -5.36
CA VAL A 73 -4.05 -1.50 -5.18
C VAL A 73 -4.73 -1.58 -6.54
N MET A 74 -5.70 -2.48 -6.67
CA MET A 74 -6.46 -2.68 -7.92
C MET A 74 -7.72 -1.82 -7.94
N GLY A 75 -8.20 -1.43 -6.76
CA GLY A 75 -9.42 -0.63 -6.71
C GLY A 75 -9.91 -0.70 -5.28
N TYR A 76 -11.16 -0.34 -5.07
CA TYR A 76 -11.75 -0.37 -3.74
C TYR A 76 -13.27 -0.43 -3.82
N SER A 77 -13.93 -0.76 -2.70
CA SER A 77 -15.35 -0.80 -2.72
C SER A 77 -15.86 -0.05 -1.50
N ASP A 78 -17.12 0.35 -1.56
CA ASP A 78 -17.74 0.98 -0.40
C ASP A 78 -19.22 0.63 -0.40
N PRO A 79 -19.82 0.55 0.81
CA PRO A 79 -21.26 0.24 0.89
C PRO A 79 -21.95 1.51 0.38
N TYR A 80 -22.78 1.37 -0.65
CA TYR A 80 -23.43 2.52 -1.23
C TYR A 80 -24.86 2.22 -1.65
N ASP A 81 -25.79 2.98 -1.10
CA ASP A 81 -27.17 2.83 -1.49
C ASP A 81 -27.69 1.40 -1.45
N ASN A 82 -27.33 0.67 -0.40
CA ASN A 82 -27.74 -0.72 -0.26
C ASN A 82 -27.21 -1.64 -1.32
N LYS A 83 -26.02 -1.33 -1.80
CA LYS A 83 -25.35 -2.15 -2.79
C LYS A 83 -23.89 -2.05 -2.40
N CYS A 84 -23.06 -2.86 -3.05
CA CYS A 84 -21.62 -2.84 -2.86
C CYS A 84 -21.17 -2.11 -4.10
N ARG A 85 -20.51 -0.97 -3.93
CA ARG A 85 -20.06 -0.18 -5.09
C ARG A 85 -18.57 -0.40 -5.31
N TYR A 86 -18.19 -0.87 -6.51
CA TYR A 86 -16.79 -1.17 -6.76
C TYR A 86 -16.18 -0.16 -7.71
N HIS A 87 -14.98 0.28 -7.37
CA HIS A 87 -14.24 1.31 -8.11
C HIS A 87 -12.92 0.71 -8.55
N ILE A 88 -12.78 0.49 -9.85
CA ILE A 88 -11.57 -0.17 -10.34
C ILE A 88 -10.81 0.75 -11.28
N PHE A 89 -9.47 0.75 -11.17
CA PHE A 89 -8.64 1.58 -12.03
C PHE A 89 -8.87 1.23 -13.51
N ASN A 90 -8.66 2.20 -14.37
CA ASN A 90 -8.96 2.06 -15.79
C ASN A 90 -8.03 1.21 -16.61
N ASP A 91 -6.94 0.76 -16.02
CA ASP A 91 -6.03 -0.14 -16.75
C ASP A 91 -6.17 -1.60 -16.32
N ILE A 92 -7.14 -1.88 -15.46
CA ILE A 92 -7.37 -3.25 -15.00
C ILE A 92 -8.44 -3.79 -15.95
N LYS A 93 -8.12 -4.84 -16.69
CA LYS A 93 -9.08 -5.41 -17.64
C LYS A 93 -9.15 -6.94 -17.71
N GLY A 94 -10.14 -7.42 -18.46
CA GLY A 94 -10.36 -8.85 -18.66
C GLY A 94 -10.60 -9.74 -17.46
N THR A 95 -9.78 -10.79 -17.33
CA THR A 95 -9.90 -11.72 -16.19
C THR A 95 -9.83 -10.86 -14.95
N GLU A 96 -8.58 -10.52 -14.62
CA GLU A 96 -8.22 -9.70 -13.48
C GLU A 96 -9.33 -8.75 -13.08
N TYR A 97 -9.87 -8.05 -14.06
CA TYR A 97 -10.92 -7.10 -13.83
C TYR A 97 -12.19 -7.69 -13.17
N SER A 98 -12.67 -8.76 -13.76
CA SER A 98 -13.88 -9.39 -13.25
C SER A 98 -13.53 -10.09 -11.93
N ASP A 99 -12.28 -10.55 -11.79
CA ASP A 99 -11.79 -11.17 -10.56
C ASP A 99 -11.80 -10.08 -9.46
N VAL A 100 -11.32 -8.91 -9.81
CA VAL A 100 -11.31 -7.80 -8.84
C VAL A 100 -12.76 -7.42 -8.52
N GLU A 101 -13.60 -7.29 -9.54
CA GLU A 101 -14.98 -6.88 -9.32
C GLU A 101 -15.69 -7.85 -8.41
N ASN A 102 -15.54 -9.14 -8.68
CA ASN A 102 -16.23 -10.17 -7.89
C ASN A 102 -15.67 -10.31 -6.48
N THR A 103 -14.38 -10.05 -6.31
CA THR A 103 -13.78 -10.18 -4.99
C THR A 103 -14.24 -9.00 -4.14
N LEU A 104 -14.24 -7.81 -4.72
CA LEU A 104 -14.74 -6.66 -3.95
C LEU A 104 -16.24 -6.79 -3.63
N CYS A 105 -17.03 -7.21 -4.62
CA CYS A 105 -18.46 -7.24 -4.52
C CYS A 105 -19.01 -8.49 -5.16
N PRO A 106 -19.24 -9.52 -4.35
CA PRO A 106 -19.77 -10.80 -4.83
C PRO A 106 -21.07 -10.66 -5.61
N SER A 107 -21.19 -11.45 -6.68
CA SER A 107 -22.35 -11.40 -7.55
C SER A 107 -23.62 -11.93 -6.90
N THR A 108 -23.52 -12.40 -5.65
CA THR A 108 -24.69 -12.89 -4.93
C THR A 108 -25.42 -11.78 -4.17
N ASN A 109 -24.84 -10.59 -4.12
CA ASN A 109 -25.45 -9.42 -3.44
C ASN A 109 -25.49 -8.27 -4.41
N PRO A 110 -26.37 -7.28 -4.18
CA PRO A 110 -26.47 -6.13 -5.08
C PRO A 110 -25.14 -5.40 -5.21
N ARG A 111 -24.88 -4.89 -6.40
CA ARG A 111 -23.64 -4.20 -6.64
C ARG A 111 -23.79 -3.24 -7.78
N VAL A 112 -22.87 -2.28 -7.84
CA VAL A 112 -22.87 -1.29 -8.91
C VAL A 112 -21.46 -0.79 -9.11
N ALA A 113 -21.12 -0.54 -10.37
CA ALA A 113 -19.80 -0.02 -10.68
C ALA A 113 -19.70 1.49 -10.61
N LYS A 114 -18.56 1.98 -10.16
CA LYS A 114 -18.27 3.41 -10.21
C LYS A 114 -16.79 3.44 -10.57
N PRO A 115 -16.49 3.35 -11.87
CA PRO A 115 -15.09 3.35 -12.30
C PRO A 115 -14.19 4.44 -11.74
N ILE A 116 -12.92 4.10 -11.67
CA ILE A 116 -11.88 5.08 -11.34
C ILE A 116 -11.38 5.35 -12.77
N ASN A 117 -11.68 6.54 -13.28
CA ASN A 117 -11.34 6.88 -14.66
C ASN A 117 -9.92 7.34 -14.90
N TYR A 118 -8.99 6.60 -14.31
CA TYR A 118 -7.55 6.87 -14.44
C TYR A 118 -6.81 5.69 -13.83
N ASN A 119 -5.49 5.63 -13.98
CA ASN A 119 -4.76 4.51 -13.38
C ASN A 119 -4.21 4.89 -12.00
N GLY A 120 -3.61 3.90 -11.33
CA GLY A 120 -3.09 4.12 -10.00
C GLY A 120 -1.63 4.50 -9.83
N LEU A 121 -0.96 4.91 -10.91
CA LEU A 121 0.43 5.33 -10.83
C LEU A 121 0.52 6.65 -10.07
N TYR A 122 1.59 6.86 -9.31
CA TYR A 122 1.73 8.09 -8.56
C TYR A 122 1.58 9.38 -9.36
N PRO A 123 2.25 9.48 -10.52
CA PRO A 123 2.07 10.74 -11.26
C PRO A 123 0.63 11.01 -11.69
N THR A 124 -0.13 9.93 -11.93
CA THR A 124 -1.52 10.03 -12.34
C THR A 124 -2.28 10.54 -11.15
N LEU A 125 -2.06 9.90 -9.99
CA LEU A 125 -2.78 10.36 -8.80
C LEU A 125 -2.47 11.81 -8.40
N GLU A 126 -1.21 12.20 -8.48
CA GLU A 126 -0.79 13.55 -8.15
C GLU A 126 -1.50 14.54 -9.07
N ASN A 127 -1.57 14.23 -10.37
CA ASN A 127 -2.25 15.10 -11.33
C ASN A 127 -3.73 15.23 -10.96
N LYS A 128 -4.38 14.11 -10.65
CA LYS A 128 -5.80 14.17 -10.28
C LYS A 128 -5.98 14.89 -8.96
N ALA A 129 -4.99 14.79 -8.07
CA ALA A 129 -5.08 15.46 -6.78
C ALA A 129 -4.75 16.96 -6.90
N GLY A 130 -4.28 17.37 -8.07
CA GLY A 130 -3.94 18.78 -8.26
C GLY A 130 -2.64 19.25 -7.64
N VAL A 131 -1.69 18.34 -7.45
CA VAL A 131 -0.40 18.67 -6.86
C VAL A 131 0.74 18.26 -7.78
N THR A 132 1.87 18.96 -7.66
CA THR A 132 3.03 18.62 -8.47
C THR A 132 3.73 17.38 -7.88
N SER A 133 3.58 17.19 -6.57
CA SER A 133 4.15 16.03 -5.87
C SER A 133 3.28 15.64 -4.69
N ARG A 134 3.18 14.34 -4.43
CA ARG A 134 2.38 13.86 -3.32
C ARG A 134 2.99 14.33 -1.99
N ASN A 135 4.17 14.93 -2.00
CA ASN A 135 4.69 15.41 -0.72
C ASN A 135 3.93 16.68 -0.30
N GLN A 136 2.97 17.08 -1.14
CA GLN A 136 2.11 18.24 -0.85
C GLN A 136 0.77 17.71 -0.30
N VAL A 137 0.61 16.40 -0.18
CA VAL A 137 -0.64 15.82 0.34
C VAL A 137 -0.34 15.21 1.69
N GLN A 138 -0.94 15.75 2.74
CA GLN A 138 -0.65 15.18 4.06
C GLN A 138 -1.21 13.80 4.30
N LEU A 139 -0.47 13.04 5.11
CA LEU A 139 -0.83 11.69 5.52
C LEU A 139 -1.21 11.82 6.98
N GLY A 140 -1.86 10.78 7.50
CA GLY A 140 -2.25 10.80 8.91
C GLY A 140 -3.47 9.95 9.14
N ILE A 141 -3.62 9.53 10.39
CA ILE A 141 -4.74 8.71 10.83
C ILE A 141 -6.06 9.46 10.71
N GLN A 142 -6.08 10.71 11.18
CA GLN A 142 -7.29 11.50 11.11
C GLN A 142 -7.64 11.81 9.65
N ILE A 143 -6.62 12.08 8.84
CA ILE A 143 -6.85 12.37 7.43
C ILE A 143 -7.47 11.13 6.76
N LEU A 144 -6.93 9.96 7.06
CA LEU A 144 -7.45 8.73 6.43
C LEU A 144 -8.93 8.55 6.82
N SER A 145 -9.22 8.71 8.10
CA SER A 145 -10.58 8.58 8.56
C SER A 145 -11.49 9.59 7.86
N SER A 146 -11.03 10.83 7.73
CA SER A 146 -11.82 11.86 7.08
C SER A 146 -12.07 11.58 5.61
N ASP A 147 -11.05 11.09 4.93
CA ASP A 147 -11.20 10.78 3.51
C ASP A 147 -12.20 9.63 3.30
N ILE A 148 -12.23 8.67 4.21
CA ILE A 148 -13.18 7.58 4.14
C ILE A 148 -14.58 8.18 4.22
N GLY A 149 -14.77 9.12 5.17
CA GLY A 149 -16.08 9.77 5.29
C GLY A 149 -16.53 10.57 4.05
N LYS A 150 -15.57 11.13 3.33
CA LYS A 150 -15.86 11.93 2.14
C LYS A 150 -16.27 11.11 0.93
N ILE A 151 -15.94 9.84 0.94
CA ILE A 151 -16.22 9.00 -0.20
C ILE A 151 -17.23 7.89 0.08
N SER A 152 -17.00 7.16 1.16
CA SER A 152 -17.87 6.05 1.48
C SER A 152 -19.33 6.42 1.61
N GLY A 153 -20.16 5.69 0.85
CA GLY A 153 -21.60 5.91 0.85
C GLY A 153 -22.06 7.18 0.18
N GLN A 154 -21.14 7.95 -0.38
CA GLN A 154 -21.49 9.22 -1.00
C GLN A 154 -21.79 9.12 -2.51
N GLY A 155 -22.96 9.64 -2.92
CA GLY A 155 -23.33 9.56 -4.32
C GLY A 155 -22.46 10.43 -5.19
N SER A 156 -21.86 11.44 -4.58
CA SER A 156 -21.04 12.35 -5.36
C SER A 156 -19.77 12.73 -4.63
N PHE A 157 -18.67 12.69 -5.37
CA PHE A 157 -17.39 13.10 -4.84
C PHE A 157 -16.50 13.33 -6.06
N THR A 158 -15.53 14.22 -5.92
CA THR A 158 -14.67 14.51 -7.07
C THR A 158 -13.48 13.57 -7.25
N GLU A 159 -12.90 13.63 -8.44
CA GLU A 159 -11.73 12.81 -8.70
C GLU A 159 -10.60 13.29 -7.81
N LYS A 160 -10.56 14.60 -7.53
CA LYS A 160 -9.50 15.15 -6.69
C LYS A 160 -9.64 14.54 -5.28
N THR A 161 -10.86 14.47 -4.78
CA THR A 161 -11.07 13.88 -3.45
C THR A 161 -10.66 12.41 -3.46
N GLU A 162 -11.06 11.69 -4.50
CA GLU A 162 -10.73 10.28 -4.59
C GLU A 162 -9.22 10.06 -4.73
N ALA A 163 -8.56 10.83 -5.60
CA ALA A 163 -7.12 10.65 -5.80
C ALA A 163 -6.34 10.98 -4.53
N LYS A 164 -6.81 11.95 -3.75
CA LYS A 164 -6.11 12.27 -2.52
C LYS A 164 -6.29 11.11 -1.55
N PHE A 165 -7.51 10.58 -1.49
CA PHE A 165 -7.75 9.44 -0.61
C PHE A 165 -6.82 8.29 -1.03
N LEU A 166 -6.68 8.07 -2.34
CA LEU A 166 -5.83 6.98 -2.80
C LEU A 166 -4.37 7.20 -2.45
N LEU A 167 -3.89 8.44 -2.56
CA LEU A 167 -2.52 8.74 -2.21
C LEU A 167 -2.30 8.43 -0.73
N VAL A 168 -3.29 8.74 0.08
CA VAL A 168 -3.16 8.49 1.52
C VAL A 168 -3.23 7.00 1.83
N ALA A 169 -4.23 6.33 1.29
CA ALA A 169 -4.40 4.91 1.57
C ALA A 169 -3.25 4.05 1.05
N ILE A 170 -2.78 4.36 -0.16
CA ILE A 170 -1.70 3.57 -0.73
C ILE A 170 -0.44 3.70 0.11
N GLN A 171 -0.15 4.91 0.54
CA GLN A 171 1.05 5.08 1.31
C GLN A 171 0.90 4.58 2.76
N MET A 172 -0.29 4.72 3.35
CA MET A 172 -0.45 4.24 4.72
C MET A 172 -0.76 2.76 4.84
N VAL A 173 -1.05 2.10 3.72
CA VAL A 173 -1.32 0.67 3.80
C VAL A 173 -0.25 -0.14 3.06
N PRO A 174 -0.35 -0.29 1.72
CA PRO A 174 0.75 -1.09 1.15
C PRO A 174 2.19 -0.56 1.25
N GLU A 175 2.40 0.74 1.12
CA GLU A 175 3.78 1.23 1.21
C GLU A 175 4.32 1.05 2.62
N ALA A 176 3.46 1.23 3.61
CA ALA A 176 3.87 1.02 4.99
C ALA A 176 4.17 -0.46 5.22
N ALA A 177 3.44 -1.36 4.54
CA ALA A 177 3.73 -2.79 4.74
C ALA A 177 5.10 -3.08 4.10
N ARG A 178 5.36 -2.49 2.93
CA ARG A 178 6.64 -2.72 2.26
C ARG A 178 7.80 -2.13 3.01
N PHE A 179 7.56 -0.99 3.67
CA PHE A 179 8.65 -0.32 4.34
C PHE A 179 8.37 0.00 5.80
N LYS A 180 9.09 -0.67 6.69
CA LYS A 180 8.97 -0.39 8.13
C LYS A 180 9.24 1.10 8.37
N TYR A 181 10.08 1.72 7.52
CA TYR A 181 10.38 3.15 7.70
C TYR A 181 9.12 3.98 7.55
N ILE A 182 8.26 3.64 6.58
CA ILE A 182 7.03 4.35 6.34
C ILE A 182 6.04 4.08 7.49
N GLU A 183 5.91 2.82 7.89
CA GLU A 183 5.08 2.48 9.04
C GLU A 183 5.51 3.33 10.23
N ASN A 184 6.83 3.43 10.41
CA ASN A 184 7.36 4.21 11.53
C ASN A 184 7.07 5.68 11.41
N GLN A 185 7.08 6.23 10.20
CA GLN A 185 6.72 7.63 10.04
C GLN A 185 5.27 7.87 10.54
N VAL A 186 4.37 6.92 10.26
CA VAL A 186 2.98 7.03 10.69
C VAL A 186 2.91 6.91 12.22
N LYS A 187 3.67 5.98 12.79
CA LYS A 187 3.63 5.80 14.26
C LYS A 187 4.23 6.97 15.01
N THR A 188 5.27 7.60 14.47
CA THR A 188 5.87 8.74 15.17
C THR A 188 5.13 10.06 14.92
N ASN A 189 4.13 10.05 14.02
CA ASN A 189 3.31 11.21 13.76
C ASN A 189 1.86 10.77 13.93
N PHE A 190 1.65 9.82 14.81
CA PHE A 190 0.33 9.25 14.94
C PHE A 190 -0.80 10.20 15.26
N ASN A 191 -0.52 11.25 16.02
CA ASN A 191 -1.58 12.17 16.36
C ASN A 191 -1.59 13.46 15.58
N ARG A 192 -0.93 13.50 14.42
CA ARG A 192 -0.89 14.70 13.60
C ARG A 192 -0.84 14.44 12.11
N ASP A 193 -1.16 15.46 11.34
CA ASP A 193 -1.09 15.38 9.89
C ASP A 193 0.39 15.55 9.58
N PHE A 194 0.92 14.87 8.56
CA PHE A 194 2.31 15.09 8.23
C PHE A 194 2.54 14.87 6.74
N PHE A 195 3.51 15.62 6.19
CA PHE A 195 3.85 15.47 4.78
C PHE A 195 4.92 14.41 4.69
N PRO A 196 4.85 13.53 3.67
CA PRO A 196 5.87 12.51 3.57
C PRO A 196 7.21 13.11 3.19
N ASN A 197 8.27 12.74 3.90
CA ASN A 197 9.57 13.31 3.61
C ASN A 197 10.20 12.69 2.36
N ASP A 198 11.36 13.22 1.97
CA ASP A 198 12.02 12.74 0.74
C ASP A 198 12.42 11.28 0.80
N LYS A 199 12.75 10.77 1.99
CA LYS A 199 13.15 9.37 2.10
C LYS A 199 11.91 8.49 1.86
N VAL A 200 10.75 8.91 2.35
CA VAL A 200 9.53 8.14 2.12
C VAL A 200 9.31 8.02 0.60
N LEU A 201 9.43 9.13 -0.11
CA LEU A 201 9.17 9.06 -1.53
C LEU A 201 10.19 8.25 -2.28
N GLU A 202 11.46 8.35 -1.88
CA GLU A 202 12.52 7.64 -2.56
C GLU A 202 12.37 6.14 -2.31
N LEU A 203 12.04 5.75 -1.08
CA LEU A 203 11.86 4.32 -0.84
C LEU A 203 10.72 3.79 -1.68
N GLU A 204 9.60 4.52 -1.73
CA GLU A 204 8.44 4.08 -2.52
C GLU A 204 8.81 3.86 -3.97
N GLU A 205 9.59 4.81 -4.49
CA GLU A 205 9.99 4.74 -5.91
C GLU A 205 11.07 3.75 -6.27
N ASN A 206 11.73 3.18 -5.27
CA ASN A 206 12.84 2.24 -5.51
C ASN A 206 12.73 0.86 -4.83
N TRP A 207 11.51 0.49 -4.47
CA TRP A 207 11.25 -0.76 -3.82
C TRP A 207 11.82 -1.94 -4.65
N GLY A 208 11.64 -1.87 -5.96
CA GLY A 208 12.15 -2.96 -6.81
C GLY A 208 13.65 -3.03 -6.79
N LYS A 209 14.28 -1.88 -6.99
CA LYS A 209 15.74 -1.80 -6.97
C LYS A 209 16.30 -2.27 -5.63
N ILE A 210 15.68 -1.86 -4.53
CA ILE A 210 16.11 -2.26 -3.21
C ILE A 210 15.90 -3.76 -3.01
N SER A 211 14.76 -4.30 -3.48
CA SER A 211 14.48 -5.72 -3.32
C SER A 211 15.46 -6.57 -4.12
N THR A 212 15.76 -6.14 -5.34
CA THR A 212 16.69 -6.89 -6.20
C THR A 212 18.10 -6.87 -5.56
N ALA A 213 18.51 -5.70 -5.05
CA ALA A 213 19.82 -5.58 -4.42
C ALA A 213 19.99 -6.49 -3.22
N ILE A 214 18.99 -6.51 -2.34
CA ILE A 214 19.05 -7.37 -1.18
C ILE A 214 19.03 -8.84 -1.61
N HIS A 215 18.13 -9.18 -2.52
CA HIS A 215 18.07 -10.56 -2.99
C HIS A 215 19.39 -11.02 -3.63
N ASP A 216 20.04 -10.14 -4.37
CA ASP A 216 21.30 -10.50 -5.03
C ASP A 216 22.58 -10.34 -4.19
N ALA A 217 22.47 -9.76 -2.99
CA ALA A 217 23.60 -9.54 -2.11
C ALA A 217 24.33 -10.81 -1.66
N LYS A 218 25.66 -10.74 -1.71
CA LYS A 218 26.55 -11.84 -1.30
C LYS A 218 27.20 -11.52 0.02
N ASN A 219 27.02 -12.40 1.00
CA ASN A 219 27.53 -12.20 2.36
C ASN A 219 27.16 -10.81 2.88
N GLY A 220 25.95 -10.38 2.57
CA GLY A 220 25.48 -9.09 3.04
C GLY A 220 25.89 -7.87 2.23
N ALA A 221 26.74 -8.05 1.23
CA ALA A 221 27.19 -6.92 0.40
C ALA A 221 26.30 -6.75 -0.83
N LEU A 222 25.76 -5.55 -1.06
CA LEU A 222 24.91 -5.31 -2.22
C LEU A 222 25.79 -5.45 -3.47
N PRO A 223 25.22 -5.85 -4.63
CA PRO A 223 25.98 -6.01 -5.88
C PRO A 223 26.81 -4.78 -6.23
N LYS A 224 26.23 -3.61 -6.01
CA LYS A 224 26.88 -2.34 -6.27
C LYS A 224 26.27 -1.30 -5.33
N PRO A 225 26.90 -0.12 -5.22
CA PRO A 225 26.33 0.89 -4.31
C PRO A 225 24.88 1.21 -4.69
N LEU A 226 24.04 1.35 -3.68
CA LEU A 226 22.63 1.66 -3.91
C LEU A 226 22.43 3.09 -3.46
N GLU A 227 22.15 4.00 -4.40
CA GLU A 227 21.96 5.41 -4.03
C GLU A 227 20.49 5.74 -3.71
N LEU A 228 20.24 6.25 -2.50
CA LEU A 228 18.90 6.59 -2.11
C LEU A 228 18.95 7.98 -1.48
N LYS A 229 18.00 8.27 -0.59
CA LYS A 229 17.99 9.58 0.03
C LYS A 229 17.70 9.48 1.51
N ASN A 230 18.28 10.42 2.25
CA ASN A 230 18.01 10.52 3.67
C ASN A 230 16.71 11.29 3.86
N ALA A 231 16.22 11.31 5.09
CA ALA A 231 14.99 12.02 5.39
C ALA A 231 14.95 13.47 4.90
N ASP A 232 16.11 14.14 4.92
CA ASP A 232 16.18 15.54 4.49
C ASP A 232 16.44 15.71 3.01
N GLY A 233 16.38 14.63 2.26
CA GLY A 233 16.57 14.72 0.82
C GLY A 233 17.99 14.57 0.34
N THR A 234 18.95 14.53 1.26
CA THR A 234 20.36 14.39 0.85
C THR A 234 20.66 12.98 0.40
N LYS A 235 21.74 12.86 -0.37
CA LYS A 235 22.15 11.56 -0.92
C LYS A 235 22.56 10.58 0.15
N TRP A 236 22.09 9.35 0.01
CA TRP A 236 22.43 8.28 0.94
C TRP A 236 22.96 7.10 0.14
N ILE A 237 24.19 6.67 0.43
CA ILE A 237 24.78 5.54 -0.30
C ILE A 237 24.78 4.31 0.58
N VAL A 238 24.12 3.28 0.10
CA VAL A 238 23.98 2.01 0.82
C VAL A 238 24.85 0.94 0.17
N LEU A 239 25.69 0.26 0.97
CA LEU A 239 26.55 -0.79 0.39
C LEU A 239 26.23 -2.17 0.93
N ARG A 240 25.60 -2.24 2.11
CA ARG A 240 25.30 -3.51 2.73
C ARG A 240 23.84 -3.68 3.12
N VAL A 241 23.36 -4.93 3.07
CA VAL A 241 21.99 -5.22 3.42
C VAL A 241 21.63 -4.66 4.80
N ASP A 242 22.50 -4.84 5.80
CA ASP A 242 22.14 -4.32 7.12
C ASP A 242 21.96 -2.82 7.25
N GLU A 243 22.43 -2.04 6.29
CA GLU A 243 22.25 -0.59 6.37
C GLU A 243 20.83 -0.19 5.97
N ILE A 244 20.18 -1.02 5.17
CA ILE A 244 18.83 -0.71 4.68
C ILE A 244 17.75 -1.61 5.25
N LYS A 245 18.13 -2.80 5.71
CA LYS A 245 17.17 -3.75 6.25
C LYS A 245 16.20 -3.16 7.28
N PRO A 246 16.67 -2.31 8.21
CA PRO A 246 15.74 -1.75 9.21
C PRO A 246 14.54 -1.00 8.63
N ASP A 247 14.69 -0.50 7.40
CA ASP A 247 13.65 0.26 6.74
C ASP A 247 12.69 -0.58 5.93
N VAL A 248 13.05 -1.84 5.72
CA VAL A 248 12.25 -2.72 4.85
C VAL A 248 11.39 -3.72 5.57
N GLY A 249 10.13 -3.80 5.16
CA GLY A 249 9.22 -4.78 5.76
C GLY A 249 8.92 -5.97 4.84
N LEU A 250 8.92 -5.76 3.53
CA LEU A 250 8.64 -6.84 2.58
C LEU A 250 9.42 -6.62 1.31
N LEU A 251 9.96 -7.69 0.74
CA LEU A 251 10.68 -7.60 -0.50
C LEU A 251 9.77 -7.90 -1.69
N LYS A 252 9.93 -7.17 -2.78
CA LYS A 252 9.18 -7.45 -4.00
C LYS A 252 9.73 -8.83 -4.42
N TYR A 253 8.92 -9.59 -5.14
CA TYR A 253 9.36 -10.90 -5.59
C TYR A 253 10.54 -10.77 -6.55
N VAL A 254 11.60 -11.53 -6.27
CA VAL A 254 12.80 -11.56 -7.12
C VAL A 254 13.08 -13.05 -7.31
N ASN A 255 13.15 -13.49 -8.55
CA ASN A 255 13.37 -14.90 -8.87
C ASN A 255 14.75 -15.42 -8.47
N GLY A 256 14.82 -16.73 -8.19
CA GLY A 256 16.10 -17.34 -7.85
C GLY A 256 16.37 -17.42 -6.38
N THR A 257 17.36 -18.22 -5.98
CA THR A 257 17.69 -18.35 -4.56
C THR A 257 18.44 -17.11 -4.08
N CYS A 258 18.54 -16.99 -2.77
CA CYS A 258 19.24 -15.87 -2.15
C CYS A 258 19.62 -16.32 -0.76
N GLN A 259 20.54 -15.59 -0.13
CA GLN A 259 20.94 -15.90 1.24
C GLN A 259 19.68 -15.61 2.03
N THR A 260 19.08 -16.64 2.62
CA THR A 260 17.82 -16.44 3.32
C THR A 260 17.86 -15.85 4.72
N THR A 261 19.02 -15.94 5.35
CA THR A 261 19.17 -15.43 6.71
C THR A 261 20.30 -14.41 6.88
C1 NAG B . 13.77 -18.42 -12.05
C2 NAG B . 14.06 -18.56 -13.55
C3 NAG B . 14.30 -20.04 -13.92
C4 NAG B . 15.26 -20.75 -12.94
C5 NAG B . 14.91 -20.57 -11.46
C6 NAG B . 15.47 -21.05 -10.12
C7 NAG B . 13.32 -16.90 -15.03
C8 NAG B . 12.20 -16.23 -15.84
N2 NAG B . 12.96 -17.95 -14.29
O3 NAG B . 15.03 -19.94 -15.15
O4 NAG B . 15.16 -22.15 -13.18
O5 NAG B . 14.76 -19.14 -11.30
O6 NAG B . 16.81 -20.67 -10.41
O7 NAG B . 14.36 -16.28 -15.27
#